data_4PA5
#
_entry.id   4PA5
#
_cell.length_a   98.350
_cell.length_b   98.350
_cell.length_c   65.814
_cell.angle_alpha   90.00
_cell.angle_beta   90.00
_cell.angle_gamma   90.00
#
_symmetry.space_group_name_H-M   'P 41'
#
loop_
_entity.id
_entity.type
_entity.pdbx_description
1 polymer 'Protein-glutamine gamma-glutamyltransferase'
2 non-polymer 'TRIETHYLENE GLYCOL'
3 non-polymer 1,2-ETHANEDIOL
4 non-polymer 'SULFATE ION'
5 non-polymer 'ZINC ION'
6 non-polymer 2-AMINO-ETHANETHIOL
7 non-polymer GLYCEROL
8 non-polymer 'TETRAETHYLENE GLYCOL'
9 non-polymer 'CITRATE ANION'
10 water water
#
_entity_poly.entity_id   1
_entity_poly.type   'polypeptide(L)'
_entity_poly.pdbx_seq_one_letter_code
;MIIVSGQLLRPQDIENWQIDQDLNPLLKEMIETPVQFDYHSIAELMFELKLRMNIVAAAKTLHKSGAKFATFLKTYGNTT
YWRVSPEGALELKYRMPPSKAIRDIAENGPFYAFECATAIVIIYYLALIDTIGEDKFNASFDRIILYDWHYEKLPIYTET
GHHFFLGDCLYFKNPEFDPQKAQWRGENVILLGEDKYFAHGLGILNGKQIIDKLNSFRKKGALQSAYLLSQATRLDVPSL
FRIVRVDKLAAALEHHHHHH
;
_entity_poly.pdbx_strand_id   A,B
#
loop_
_chem_comp.id
_chem_comp.type
_chem_comp.name
_chem_comp.formula
EDO non-polymer 1,2-ETHANEDIOL 'C2 H6 O2'
FLC non-polymer 'CITRATE ANION' 'C6 H5 O7 -3'
GOL non-polymer GLYCEROL 'C3 H8 O3'
PG4 non-polymer 'TETRAETHYLENE GLYCOL' 'C8 H18 O5'
PGE non-polymer 'TRIETHYLENE GLYCOL' 'C6 H14 O4'
SO4 non-polymer 'SULFATE ION' 'O4 S -2'
ZN non-polymer 'ZINC ION' 'Zn 2'
#
# COMPACT_ATOMS: atom_id res chain seq x y z
N MET A 1 5.25 12.73 -21.82
CA MET A 1 4.91 11.82 -22.94
C MET A 1 3.84 10.82 -22.53
N ILE A 2 2.68 10.90 -23.17
CA ILE A 2 1.55 10.01 -22.88
C ILE A 2 1.34 9.00 -24.02
N ILE A 3 1.23 7.72 -23.66
CA ILE A 3 1.03 6.65 -24.63
C ILE A 3 -0.11 5.73 -24.19
N VAL A 4 -1.14 5.61 -25.02
CA VAL A 4 -2.30 4.76 -24.71
C VAL A 4 -2.35 3.53 -25.61
N SER A 5 -2.21 2.35 -24.99
CA SER A 5 -2.24 1.06 -25.70
C SER A 5 -1.10 0.85 -26.71
N GLY A 6 -0.19 1.83 -26.82
CA GLY A 6 0.96 1.73 -27.71
C GLY A 6 1.05 2.84 -28.74
N GLN A 7 0.26 3.89 -28.54
CA GLN A 7 0.20 5.04 -29.45
C GLN A 7 0.49 6.35 -28.70
N LEU A 8 1.44 7.12 -29.20
CA LEU A 8 1.78 8.43 -28.63
C LEU A 8 0.62 9.42 -28.78
N LEU A 9 0.43 10.23 -27.75
CA LEU A 9 -0.61 11.25 -27.75
C LEU A 9 0.02 12.62 -27.89
N ARG A 10 -0.07 13.21 -29.08
CA ARG A 10 0.35 14.60 -29.27
C ARG A 10 -0.90 15.46 -29.30
N PRO A 11 -0.75 16.80 -29.26
CA PRO A 11 -1.88 17.72 -29.21
C PRO A 11 -3.05 17.39 -30.16
N GLN A 12 -4.08 16.78 -29.56
CA GLN A 12 -5.33 16.45 -30.25
C GLN A 12 -6.50 16.89 -29.39
N ASN A 16 -9.07 20.55 -28.99
CA ASN A 16 -10.05 19.63 -29.56
C ASN A 16 -10.94 18.98 -28.49
N TRP A 17 -10.31 18.18 -27.62
CA TRP A 17 -11.02 17.37 -26.62
C TRP A 17 -11.99 18.18 -25.76
N GLN A 18 -13.10 17.55 -25.42
CA GLN A 18 -14.13 18.18 -24.60
C GLN A 18 -13.98 17.77 -23.14
N ILE A 19 -12.98 18.34 -22.47
CA ILE A 19 -12.69 18.01 -21.08
C ILE A 19 -12.67 19.25 -20.18
N ASP A 20 -12.86 19.01 -18.88
CA ASP A 20 -12.69 20.03 -17.85
C ASP A 20 -11.46 20.88 -18.15
N GLN A 21 -11.62 22.20 -18.05
CA GLN A 21 -10.52 23.12 -18.27
C GLN A 21 -9.45 22.94 -17.18
N ASP A 22 -9.91 22.66 -15.96
CA ASP A 22 -9.03 22.44 -14.82
C ASP A 22 -8.00 21.35 -15.08
N LEU A 23 -8.27 20.49 -16.06
CA LEU A 23 -7.38 19.36 -16.37
C LEU A 23 -6.40 19.69 -17.48
N ASN A 24 -6.65 20.77 -18.22
CA ASN A 24 -5.83 21.11 -19.40
C ASN A 24 -4.35 21.35 -19.06
N PRO A 25 -4.08 22.11 -18.01
CA PRO A 25 -2.68 22.32 -17.63
C PRO A 25 -1.94 21.02 -17.35
N LEU A 26 -2.46 20.19 -16.44
CA LEU A 26 -1.74 18.99 -16.03
C LEU A 26 -1.50 18.07 -17.24
N LEU A 27 -2.47 18.01 -18.13
CA LEU A 27 -2.38 17.15 -19.29
C LEU A 27 -1.27 17.59 -20.22
N LYS A 28 -1.19 18.90 -20.43
CA LYS A 28 -0.15 19.47 -21.26
C LYS A 28 1.18 19.17 -20.62
N GLU A 29 1.24 19.28 -19.31
CA GLU A 29 2.50 19.04 -18.62
C GLU A 29 2.89 17.58 -18.78
N MET A 30 1.90 16.69 -18.81
CA MET A 30 2.22 15.27 -18.88
C MET A 30 2.50 14.83 -20.30
N ILE A 31 2.06 15.59 -21.28
CA ILE A 31 2.43 15.27 -22.67
C ILE A 31 3.83 15.78 -23.00
N GLU A 32 4.19 16.94 -22.46
CA GLU A 32 5.43 17.64 -22.83
C GLU A 32 6.70 17.13 -22.14
N THR A 33 6.52 16.48 -21.00
CA THR A 33 7.63 15.98 -20.20
C THR A 33 8.29 14.79 -20.89
N PRO A 34 9.59 14.58 -20.66
CA PRO A 34 10.22 13.37 -21.20
C PRO A 34 9.86 12.10 -20.46
N VAL A 35 9.21 12.17 -19.30
CA VAL A 35 8.85 10.96 -18.58
C VAL A 35 7.69 10.33 -19.33
N GLN A 36 7.51 9.04 -19.14
CA GLN A 36 6.52 8.31 -19.90
C GLN A 36 5.37 7.86 -19.03
N PHE A 37 4.15 8.23 -19.44
CA PHE A 37 2.94 7.74 -18.81
C PHE A 37 2.23 6.83 -19.81
N ASP A 38 1.97 5.60 -19.38
CA ASP A 38 1.35 4.60 -20.24
C ASP A 38 -0.01 4.23 -19.67
N TYR A 39 -0.98 4.07 -20.57
CA TYR A 39 -2.34 3.68 -20.20
C TYR A 39 -2.93 2.63 -21.16
N HIS A 40 -3.94 1.92 -20.69
CA HIS A 40 -4.65 0.92 -21.48
C HIS A 40 -5.86 1.55 -22.14
N SER A 41 -6.22 2.76 -21.72
CA SER A 41 -7.40 3.43 -22.25
C SER A 41 -7.37 4.93 -22.00
N ILE A 42 -8.26 5.65 -22.66
CA ILE A 42 -8.35 7.09 -22.44
C ILE A 42 -8.99 7.32 -21.08
N ALA A 43 -9.99 6.51 -20.77
CA ALA A 43 -10.62 6.55 -19.46
C ALA A 43 -9.57 6.55 -18.35
N GLU A 44 -8.54 5.73 -18.51
CA GLU A 44 -7.54 5.56 -17.47
C GLU A 44 -6.75 6.84 -17.28
N LEU A 45 -6.39 7.44 -18.40
CA LEU A 45 -5.68 8.73 -18.40
C LEU A 45 -6.54 9.78 -17.70
N MET A 46 -7.83 9.84 -18.03
CA MET A 46 -8.75 10.81 -17.43
C MET A 46 -8.85 10.65 -15.92
N PHE A 47 -8.86 9.39 -15.49
CA PHE A 47 -8.84 9.07 -14.09
C PHE A 47 -7.61 9.68 -13.41
N GLU A 48 -6.43 9.49 -13.99
CA GLU A 48 -5.21 10.06 -13.38
C GLU A 48 -5.30 11.59 -13.32
N LEU A 49 -5.70 12.24 -14.40
CA LEU A 49 -5.83 13.69 -14.38
C LEU A 49 -6.73 14.16 -13.24
N LYS A 50 -7.90 13.54 -13.10
CA LYS A 50 -8.85 13.92 -12.04
C LYS A 50 -8.31 13.61 -10.66
N LEU A 51 -7.76 12.41 -10.51
CA LEU A 51 -7.19 11.99 -9.23
C LEU A 51 -6.08 12.96 -8.78
N ARG A 52 -5.11 13.20 -9.65
CA ARG A 52 -4.06 14.16 -9.32
C ARG A 52 -4.63 15.55 -8.96
N MET A 53 -5.57 16.08 -9.74
CA MET A 53 -6.13 17.39 -9.39
C MET A 53 -6.94 17.34 -8.09
N ASN A 54 -7.57 16.21 -7.79
CA ASN A 54 -8.27 16.07 -6.50
C ASN A 54 -7.32 15.90 -5.29
N ILE A 55 -6.11 15.41 -5.54
CA ILE A 55 -5.11 15.35 -4.49
C ILE A 55 -4.76 16.77 -4.11
N VAL A 56 -4.54 17.59 -5.12
CA VAL A 56 -4.20 18.97 -4.89
C VAL A 56 -5.33 19.66 -4.14
N ALA A 57 -6.56 19.40 -4.56
CA ALA A 57 -7.69 20.07 -3.94
C ALA A 57 -7.86 19.59 -2.50
N ALA A 58 -7.61 18.31 -2.29
CA ALA A 58 -7.75 17.72 -0.98
C ALA A 58 -6.70 18.26 0.01
N ALA A 59 -5.48 18.47 -0.49
CA ALA A 59 -4.43 19.07 0.34
C ALA A 59 -4.89 20.44 0.78
N LYS A 60 -5.42 21.19 -0.19
CA LYS A 60 -5.86 22.55 0.08
C LYS A 60 -6.98 22.57 1.09
N THR A 61 -7.84 21.55 1.01
CA THR A 61 -8.99 21.40 1.91
C THR A 61 -8.51 21.05 3.31
N LEU A 62 -7.53 20.15 3.43
CA LEU A 62 -7.03 19.83 4.74
C LEU A 62 -6.35 21.08 5.32
N HIS A 63 -5.60 21.79 4.49
CA HIS A 63 -4.96 23.04 4.94
C HIS A 63 -5.95 24.01 5.57
N LYS A 64 -7.13 24.11 4.99
CA LYS A 64 -8.10 25.09 5.46
C LYS A 64 -9.09 24.53 6.47
N SER A 65 -9.01 23.23 6.76
CA SER A 65 -10.02 22.57 7.58
C SER A 65 -10.01 22.98 9.05
N GLY A 66 -8.84 23.30 9.55
CA GLY A 66 -8.65 23.56 10.96
C GLY A 66 -8.04 22.38 11.69
N ALA A 67 -7.88 21.27 11.00
CA ALA A 67 -7.11 20.15 11.53
C ALA A 67 -5.68 20.58 11.77
N LYS A 68 -5.09 20.11 12.85
CA LYS A 68 -3.81 20.62 13.31
C LYS A 68 -2.74 19.56 13.21
N PHE A 69 -1.49 19.98 13.35
CA PHE A 69 -0.40 19.04 13.52
C PHE A 69 -0.35 18.56 14.96
N ALA A 70 -0.16 17.26 15.16
CA ALA A 70 0.23 16.75 16.47
C ALA A 70 1.11 15.51 16.29
N THR A 71 1.92 15.24 17.30
CA THR A 71 2.70 14.02 17.37
C THR A 71 1.79 12.82 17.53
N PHE A 72 2.34 11.63 17.37
CA PHE A 72 1.53 10.43 17.56
C PHE A 72 0.98 10.43 18.97
N LEU A 73 1.78 10.77 19.95
CA LEU A 73 1.26 10.63 21.32
C LEU A 73 0.25 11.69 21.68
N LYS A 74 0.08 12.68 20.81
CA LYS A 74 -0.82 13.79 21.04
C LYS A 74 -1.95 13.82 20.02
N THR A 75 -1.95 12.84 19.12
CA THR A 75 -2.99 12.73 18.11
C THR A 75 -4.36 12.50 18.70
N TYR A 76 -5.34 13.20 18.14
CA TYR A 76 -6.73 13.00 18.51
C TYR A 76 -7.66 13.20 17.32
N GLY A 77 -8.88 12.73 17.50
CA GLY A 77 -9.88 12.79 16.44
C GLY A 77 -11.30 12.91 16.99
N ASN A 78 -12.25 13.16 16.11
CA ASN A 78 -13.67 13.22 16.48
C ASN A 78 -14.14 11.85 16.93
N THR A 79 -14.44 11.77 18.21
CA THR A 79 -14.75 10.50 18.84
C THR A 79 -16.08 9.95 18.37
N THR A 80 -16.83 10.74 17.61
CA THR A 80 -18.02 10.22 16.97
C THR A 80 -17.65 9.05 16.06
N TYR A 81 -16.56 9.24 15.31
CA TYR A 81 -16.16 8.28 14.25
C TYR A 81 -14.88 7.48 14.55
N TRP A 82 -14.00 8.07 15.36
CA TRP A 82 -12.63 7.59 15.53
C TRP A 82 -12.27 7.31 16.97
N ARG A 83 -11.65 6.18 17.25
CA ARG A 83 -11.00 6.03 18.52
C ARG A 83 -9.47 6.23 18.34
N VAL A 84 -8.81 6.62 19.41
CA VAL A 84 -7.33 6.84 19.35
C VAL A 84 -6.65 5.73 20.14
N SER A 85 -5.80 4.94 19.49
CA SER A 85 -5.04 3.88 20.19
C SER A 85 -3.98 4.49 21.10
N PRO A 86 -3.47 3.71 22.06
CA PRO A 86 -2.47 4.29 22.96
C PRO A 86 -1.28 4.84 22.18
N GLU A 87 -0.91 4.16 21.09
CA GLU A 87 0.28 4.56 20.30
C GLU A 87 -0.04 5.76 19.43
N GLY A 88 -1.30 6.06 19.22
CA GLY A 88 -1.67 7.25 18.45
C GLY A 88 -2.37 7.01 17.12
N ALA A 89 -2.81 5.77 16.86
CA ALA A 89 -3.53 5.42 15.63
C ALA A 89 -4.99 5.88 15.72
N LEU A 90 -5.52 6.53 14.69
CA LEU A 90 -6.95 6.84 14.59
C LEU A 90 -7.68 5.69 13.94
N GLU A 91 -8.50 5.02 14.73
CA GLU A 91 -9.15 3.80 14.33
C GLU A 91 -10.63 4.08 14.05
N LEU A 92 -11.08 3.76 12.82
CA LEU A 92 -12.49 3.91 12.50
C LEU A 92 -13.30 3.02 13.43
N LYS A 93 -14.27 3.59 14.15
CA LYS A 93 -15.11 2.78 15.02
C LYS A 93 -16.02 1.82 14.30
N TYR A 94 -16.27 0.70 14.97
CA TYR A 94 -17.12 -0.40 14.47
C TYR A 94 -18.35 0.09 13.70
N ARG A 95 -18.51 -0.39 12.46
CA ARG A 95 -19.61 -0.01 11.57
C ARG A 95 -19.85 1.49 11.34
N MET A 96 -18.85 2.33 11.51
CA MET A 96 -19.00 3.72 11.02
C MET A 96 -18.75 3.77 9.53
N PRO A 97 -19.55 4.54 8.77
CA PRO A 97 -19.37 4.58 7.30
C PRO A 97 -18.05 5.26 6.91
N PRO A 98 -17.16 4.57 6.19
CA PRO A 98 -15.79 5.10 5.96
C PRO A 98 -15.73 6.47 5.27
N SER A 99 -16.47 6.64 4.19
CA SER A 99 -16.43 7.91 3.48
C SER A 99 -16.86 9.07 4.36
N LYS A 100 -17.89 8.89 5.19
CA LYS A 100 -18.39 9.97 6.02
C LYS A 100 -17.41 10.32 7.15
N ALA A 101 -16.79 9.31 7.77
CA ALA A 101 -15.81 9.48 8.79
C ALA A 101 -14.57 10.22 8.29
N ILE A 102 -14.10 9.84 7.11
CA ILE A 102 -12.93 10.49 6.50
C ILE A 102 -13.31 11.92 6.07
N ARG A 103 -14.46 12.10 5.43
CA ARG A 103 -14.91 13.45 5.08
C ARG A 103 -15.06 14.36 6.29
N ASP A 104 -15.27 13.76 7.46
CA ASP A 104 -15.48 14.55 8.66
C ASP A 104 -14.19 15.30 9.04
N ILE A 105 -13.06 14.77 8.61
CA ILE A 105 -11.79 15.45 8.89
C ILE A 105 -11.79 16.84 8.22
N ALA A 106 -12.38 16.94 7.02
CA ALA A 106 -12.50 18.20 6.30
C ALA A 106 -13.62 19.10 6.83
N GLU A 107 -14.69 18.52 7.38
CA GLU A 107 -15.86 19.30 7.75
C GLU A 107 -15.84 19.68 9.24
N ASN A 108 -15.07 18.94 10.04
CA ASN A 108 -14.93 19.19 11.46
C ASN A 108 -13.44 19.20 11.85
N GLY A 109 -12.61 19.85 11.03
CA GLY A 109 -11.16 19.85 11.24
C GLY A 109 -10.70 20.15 12.67
N PRO A 110 -11.30 21.16 13.32
CA PRO A 110 -10.78 21.45 14.66
C PRO A 110 -10.88 20.29 15.65
N PHE A 111 -11.58 19.20 15.30
CA PHE A 111 -11.66 18.09 16.24
C PHE A 111 -10.54 17.06 16.05
N TYR A 112 -9.58 17.39 15.19
CA TYR A 112 -8.50 16.49 14.81
C TYR A 112 -7.12 17.12 14.92
N ALA A 113 -6.13 16.28 15.20
CA ALA A 113 -4.72 16.64 15.11
C ALA A 113 -3.94 15.37 14.90
N PHE A 114 -2.98 15.39 13.98
CA PHE A 114 -2.29 14.18 13.58
C PHE A 114 -1.01 14.58 12.87
N GLU A 115 -0.15 13.63 12.56
CA GLU A 115 1.17 14.03 12.06
C GLU A 115 1.24 13.94 10.51
N CYS A 116 2.42 14.13 9.92
N CYS A 116 2.43 14.15 9.94
CA CYS A 116 2.50 14.38 8.48
CA CYS A 116 2.57 14.46 8.51
C CYS A 116 2.18 13.22 7.58
C CYS A 116 2.31 13.28 7.55
N ALA A 117 2.75 12.07 7.89
CA ALA A 117 2.52 10.92 7.06
C ALA A 117 1.01 10.61 7.08
N THR A 118 0.43 10.60 8.27
CA THR A 118 -1.02 10.38 8.44
C THR A 118 -1.80 11.39 7.57
N ALA A 119 -1.35 12.64 7.59
CA ALA A 119 -1.97 13.70 6.79
C ALA A 119 -1.94 13.31 5.31
N ILE A 120 -0.83 12.75 4.82
CA ILE A 120 -0.74 12.44 3.38
C ILE A 120 -1.78 11.37 3.02
N VAL A 121 -1.83 10.32 3.84
CA VAL A 121 -2.77 9.25 3.61
C VAL A 121 -4.22 9.72 3.63
N ILE A 122 -4.56 10.63 4.53
CA ILE A 122 -5.89 11.22 4.61
C ILE A 122 -6.21 11.95 3.32
N ILE A 123 -5.22 12.65 2.79
CA ILE A 123 -5.39 13.39 1.55
C ILE A 123 -5.68 12.42 0.36
N TYR A 124 -4.99 11.29 0.34
CA TYR A 124 -5.21 10.28 -0.69
C TYR A 124 -6.65 9.72 -0.55
N TYR A 125 -7.10 9.43 0.67
CA TYR A 125 -8.49 8.94 0.83
C TYR A 125 -9.50 10.00 0.42
N LEU A 126 -9.33 11.23 0.86
CA LEU A 126 -10.23 12.30 0.47
C LEU A 126 -10.29 12.45 -1.04
N ALA A 127 -9.13 12.45 -1.70
CA ALA A 127 -9.05 12.59 -3.15
C ALA A 127 -9.69 11.41 -3.88
N LEU A 128 -9.50 10.22 -3.34
CA LEU A 128 -10.12 9.04 -3.92
C LEU A 128 -11.65 9.10 -3.83
N ILE A 129 -12.15 9.52 -2.67
CA ILE A 129 -13.59 9.62 -2.50
C ILE A 129 -14.13 10.56 -3.54
N ASP A 130 -13.40 11.64 -3.83
CA ASP A 130 -13.89 12.61 -4.82
C ASP A 130 -13.76 12.07 -6.22
N THR A 131 -12.84 11.13 -6.40
CA THR A 131 -12.63 10.62 -7.75
C THR A 131 -13.50 9.38 -8.08
N ILE A 132 -13.69 8.45 -7.13
CA ILE A 132 -14.50 7.26 -7.42
C ILE A 132 -15.90 7.30 -6.79
N GLY A 133 -16.15 8.21 -5.87
CA GLY A 133 -17.48 8.33 -5.28
C GLY A 133 -17.64 7.53 -4.01
N GLU A 134 -18.65 7.83 -3.19
CA GLU A 134 -18.70 7.21 -1.86
C GLU A 134 -18.99 5.71 -1.96
N ASP A 135 -19.82 5.32 -2.91
CA ASP A 135 -20.29 3.92 -3.00
C ASP A 135 -19.10 3.01 -3.30
N LYS A 136 -18.33 3.34 -4.35
CA LYS A 136 -17.11 2.57 -4.62
C LYS A 136 -16.09 2.65 -3.52
N PHE A 137 -15.90 3.82 -2.92
CA PHE A 137 -15.00 3.91 -1.79
C PHE A 137 -15.42 2.99 -0.67
N ASN A 138 -16.69 3.04 -0.26
CA ASN A 138 -17.07 2.27 0.91
C ASN A 138 -17.05 0.77 0.65
N ALA A 139 -17.33 0.41 -0.59
CA ALA A 139 -17.29 -0.97 -1.02
C ALA A 139 -15.87 -1.52 -0.96
N SER A 140 -14.89 -0.69 -1.31
CA SER A 140 -13.50 -1.14 -1.39
C SER A 140 -12.69 -0.94 -0.11
N PHE A 141 -12.83 0.24 0.48
CA PHE A 141 -12.04 0.63 1.63
C PHE A 141 -12.91 0.65 2.90
N ASP A 142 -13.33 -0.55 3.33
CA ASP A 142 -14.42 -0.74 4.26
C ASP A 142 -13.95 -0.75 5.70
N ARG A 143 -12.64 -0.86 5.91
CA ARG A 143 -12.01 -0.81 7.24
C ARG A 143 -10.85 0.14 7.17
N ILE A 144 -10.77 1.04 8.15
CA ILE A 144 -9.78 2.10 8.09
C ILE A 144 -9.07 2.38 9.43
N ILE A 145 -7.74 2.49 9.37
CA ILE A 145 -6.96 2.97 10.51
C ILE A 145 -5.97 3.96 9.92
N LEU A 146 -5.99 5.20 10.44
CA LEU A 146 -5.10 6.27 10.03
C LEU A 146 -3.93 6.38 11.02
N TYR A 147 -2.75 6.01 10.54
CA TYR A 147 -1.59 5.87 11.42
C TYR A 147 -0.32 5.80 10.60
N ASP A 148 0.43 6.89 10.57
CA ASP A 148 1.71 6.90 9.87
C ASP A 148 1.48 6.53 8.41
N TRP A 149 2.27 5.60 7.87
CA TRP A 149 2.08 5.19 6.46
C TRP A 149 1.26 3.91 6.29
N HIS A 150 0.29 3.68 7.17
CA HIS A 150 -0.72 2.63 6.92
C HIS A 150 -1.77 3.01 5.89
N TYR A 151 -1.97 2.06 4.98
CA TYR A 151 -2.90 2.11 3.86
C TYR A 151 -3.81 0.92 3.93
N GLU A 152 -5.09 1.12 3.66
CA GLU A 152 -5.98 0.00 3.41
C GLU A 152 -6.06 -0.17 1.89
N LYS A 153 -5.37 -1.19 1.43
CA LYS A 153 -5.36 -1.55 0.01
C LYS A 153 -4.76 -0.55 -1.01
N LEU A 154 -4.38 0.65 -0.61
CA LEU A 154 -3.92 1.63 -1.56
C LEU A 154 -2.65 1.15 -2.24
N PRO A 155 -2.57 1.33 -3.58
CA PRO A 155 -1.35 0.94 -4.28
C PRO A 155 -0.45 2.16 -4.49
N ILE A 156 0.57 2.25 -3.65
CA ILE A 156 1.38 3.47 -3.54
C ILE A 156 2.81 3.05 -3.80
N TYR A 157 3.48 3.80 -4.66
CA TYR A 157 4.87 3.52 -4.98
C TYR A 157 5.70 4.78 -4.94
N THR A 158 7.01 4.61 -4.78
CA THR A 158 7.96 5.70 -4.78
C THR A 158 8.99 5.41 -5.86
N GLU A 159 9.19 6.40 -6.73
CA GLU A 159 10.16 6.28 -7.80
C GLU A 159 11.24 7.35 -7.71
N THR A 160 12.47 6.98 -8.08
CA THR A 160 13.56 7.93 -8.16
C THR A 160 13.48 8.76 -9.42
N GLY A 161 13.71 10.06 -9.28
CA GLY A 161 13.79 10.94 -10.43
C GLY A 161 13.62 12.36 -9.98
N HIS A 162 13.65 13.30 -10.91
CA HIS A 162 13.52 14.71 -10.55
C HIS A 162 12.47 15.46 -11.39
N HIS A 163 11.67 14.72 -12.17
CA HIS A 163 10.51 15.29 -12.84
C HIS A 163 9.29 15.01 -11.99
N PHE A 164 8.61 16.09 -11.58
CA PHE A 164 7.53 16.03 -10.61
C PHE A 164 6.30 16.66 -11.23
N PHE A 165 5.11 16.21 -10.81
CA PHE A 165 3.84 16.61 -11.40
C PHE A 165 2.83 16.86 -10.28
N LEU A 166 1.89 17.76 -10.53
CA LEU A 166 0.83 18.10 -9.58
C LEU A 166 0.30 16.86 -8.87
N GLY A 167 0.32 16.90 -7.54
CA GLY A 167 -0.22 15.81 -6.75
C GLY A 167 0.80 14.80 -6.28
N ASP A 168 2.01 14.91 -6.79
CA ASP A 168 3.08 14.11 -6.26
C ASP A 168 3.26 14.36 -4.76
N CYS A 169 3.70 13.33 -4.05
CA CYS A 169 4.11 13.46 -2.68
C CYS A 169 5.65 13.45 -2.65
N LEU A 170 6.24 14.56 -2.23
CA LEU A 170 7.70 14.70 -2.22
C LEU A 170 8.20 14.74 -0.78
N TYR A 171 9.52 14.75 -0.62
CA TYR A 171 10.12 14.71 0.70
C TYR A 171 11.34 15.63 0.75
N PHE A 172 11.30 16.62 1.63
CA PHE A 172 12.45 17.42 2.01
C PHE A 172 13.13 16.74 3.18
N LYS A 173 14.35 16.23 2.96
CA LYS A 173 15.12 15.58 4.01
C LYS A 173 16.05 16.56 4.76
N ASN A 174 16.08 16.40 6.08
CA ASN A 174 16.92 17.22 6.98
C ASN A 174 17.99 16.30 7.52
N PRO A 175 19.06 16.11 6.76
CA PRO A 175 19.97 15.01 7.08
C PRO A 175 20.62 15.14 8.46
N GLU A 176 20.92 16.36 8.90
CA GLU A 176 21.51 16.56 10.21
C GLU A 176 20.55 17.21 11.24
N PHE A 177 19.28 16.79 11.21
CA PHE A 177 18.27 17.26 12.15
C PHE A 177 18.74 17.09 13.59
N ASP A 178 18.33 18.03 14.44
CA ASP A 178 18.62 17.96 15.88
C ASP A 178 18.00 16.69 16.46
N PRO A 179 18.82 15.76 16.97
CA PRO A 179 18.23 14.50 17.46
C PRO A 179 17.22 14.70 18.60
N GLN A 180 17.31 15.82 19.31
CA GLN A 180 16.37 16.13 20.38
C GLN A 180 15.04 16.65 19.81
N LYS A 181 14.96 16.82 18.49
CA LYS A 181 13.75 17.31 17.85
C LYS A 181 13.41 16.45 16.64
N ALA A 182 13.11 15.19 16.89
CA ALA A 182 13.04 14.18 15.85
C ALA A 182 11.93 14.42 14.82
N GLN A 183 10.96 15.26 15.15
CA GLN A 183 9.88 15.52 14.19
C GLN A 183 10.39 16.30 12.96
N TRP A 184 11.60 16.83 13.06
CA TRP A 184 12.16 17.63 11.97
C TRP A 184 13.18 16.85 11.17
N ARG A 185 13.13 15.52 11.26
CA ARG A 185 13.94 14.66 10.40
C ARG A 185 13.73 15.05 8.92
N GLY A 186 12.53 15.53 8.61
CA GLY A 186 12.13 15.81 7.25
C GLY A 186 10.68 16.26 7.16
N GLU A 187 10.23 16.66 5.98
CA GLU A 187 8.85 17.07 5.76
C GLU A 187 8.25 16.37 4.56
N ASN A 188 7.16 15.62 4.75
CA ASN A 188 6.38 15.12 3.61
C ASN A 188 5.50 16.23 3.08
N VAL A 189 5.50 16.41 1.76
CA VAL A 189 4.68 17.43 1.12
C VAL A 189 3.91 16.90 -0.12
N ILE A 190 2.83 17.60 -0.46
CA ILE A 190 2.15 17.47 -1.74
C ILE A 190 2.45 18.67 -2.62
N LEU A 191 2.80 18.41 -3.87
CA LEU A 191 3.08 19.47 -4.83
C LEU A 191 1.77 20.05 -5.36
N LEU A 192 1.56 21.33 -5.09
CA LEU A 192 0.37 22.04 -5.54
C LEU A 192 0.61 22.89 -6.79
N GLY A 193 1.87 23.11 -7.13
CA GLY A 193 2.19 23.96 -8.26
C GLY A 193 3.68 24.23 -8.24
N GLU A 194 4.15 25.05 -9.17
CA GLU A 194 5.57 25.38 -9.27
C GLU A 194 6.11 25.93 -7.94
N ASP A 195 7.00 25.16 -7.31
CA ASP A 195 7.65 25.58 -6.07
C ASP A 195 6.59 25.96 -5.03
N LYS A 196 5.49 25.20 -5.02
CA LYS A 196 4.38 25.44 -4.12
C LYS A 196 3.92 24.11 -3.51
N TYR A 197 4.04 24.02 -2.19
CA TYR A 197 3.87 22.79 -1.46
C TYR A 197 2.94 22.93 -0.29
N PHE A 198 2.14 21.89 -0.08
CA PHE A 198 1.44 21.74 1.19
C PHE A 198 2.24 20.87 2.14
N ALA A 199 2.42 21.40 3.34
CA ALA A 199 3.17 20.74 4.40
C ALA A 199 2.36 20.77 5.69
N HIS A 200 1.82 19.63 6.10
CA HIS A 200 0.96 19.61 7.27
C HIS A 200 1.78 20.08 8.46
N GLY A 201 1.29 21.13 9.10
CA GLY A 201 2.01 21.72 10.22
C GLY A 201 2.72 23.01 9.90
N LEU A 202 3.04 23.24 8.61
CA LEU A 202 3.71 24.48 8.20
C LEU A 202 2.81 25.37 7.35
N GLY A 203 1.97 24.75 6.55
CA GLY A 203 1.02 25.47 5.71
C GLY A 203 1.39 25.28 4.26
N ILE A 204 1.14 26.31 3.46
CA ILE A 204 1.49 26.26 2.03
C ILE A 204 2.69 27.17 1.81
N LEU A 205 3.83 26.54 1.53
CA LEU A 205 5.15 27.18 1.51
C LEU A 205 5.86 26.93 0.18
N ASN A 206 6.89 27.74 -0.11
CA ASN A 206 7.78 27.40 -1.21
C ASN A 206 8.90 26.55 -0.64
N GLY A 207 9.77 26.05 -1.51
CA GLY A 207 10.83 25.14 -1.10
C GLY A 207 11.85 25.78 -0.19
N LYS A 208 12.20 27.02 -0.48
CA LYS A 208 13.16 27.77 0.34
C LYS A 208 12.66 27.87 1.78
N GLN A 209 11.36 28.14 1.95
CA GLN A 209 10.77 28.31 3.28
C GLN A 209 10.78 27.01 4.09
N ILE A 210 10.44 25.91 3.45
CA ILE A 210 10.55 24.60 4.09
C ILE A 210 11.98 24.28 4.51
N ILE A 211 12.93 24.42 3.58
CA ILE A 211 14.35 24.16 3.86
C ILE A 211 14.89 25.04 4.99
N ASP A 212 14.61 26.34 4.93
CA ASP A 212 15.03 27.27 5.99
C ASP A 212 14.43 26.88 7.34
N LYS A 213 13.21 26.35 7.33
CA LYS A 213 12.54 25.97 8.56
C LYS A 213 13.19 24.70 9.11
N LEU A 214 13.41 23.73 8.25
CA LEU A 214 14.07 22.50 8.66
C LEU A 214 15.47 22.83 9.18
N ASN A 215 16.16 23.71 8.45
CA ASN A 215 17.52 24.08 8.80
C ASN A 215 17.62 24.76 10.16
N SER A 216 16.50 25.29 10.66
CA SER A 216 16.52 25.97 11.95
C SER A 216 16.49 24.95 13.10
N PHE A 217 16.28 23.68 12.78
CA PHE A 217 16.19 22.64 13.78
C PHE A 217 17.26 21.56 13.57
N ARG A 218 18.49 21.99 13.29
CA ARG A 218 19.59 21.05 13.08
C ARG A 218 20.50 20.99 14.28
N LYS A 219 21.38 20.01 14.28
CA LYS A 219 22.37 19.93 15.33
C LYS A 219 23.33 21.11 15.21
N LYS A 220 24.11 21.27 16.27
CA LYS A 220 25.08 22.34 16.36
C LYS A 220 26.10 22.24 15.24
N GLY A 221 26.21 23.32 14.47
CA GLY A 221 27.25 23.45 13.46
C GLY A 221 27.02 22.65 12.20
N ALA A 222 25.81 22.15 12.02
CA ALA A 222 25.51 21.32 10.86
C ALA A 222 25.89 22.03 9.55
N LEU A 223 26.51 21.30 8.64
CA LEU A 223 26.94 21.84 7.34
C LEU A 223 26.20 21.17 6.18
N GLN A 224 25.34 20.22 6.50
CA GLN A 224 24.40 19.67 5.52
C GLN A 224 23.07 20.38 5.58
N SER A 225 22.70 21.03 4.50
CA SER A 225 21.44 21.71 4.44
C SER A 225 20.34 20.68 4.23
N ALA A 226 19.14 20.99 4.70
CA ALA A 226 17.94 20.25 4.27
C ALA A 226 17.81 20.44 2.77
N TYR A 227 17.24 19.46 2.09
CA TYR A 227 17.14 19.51 0.64
C TYR A 227 16.02 18.60 0.11
N LEU A 228 15.62 18.86 -1.13
CA LEU A 228 14.52 18.12 -1.75
C LEU A 228 15.04 16.84 -2.35
N LEU A 229 14.49 15.70 -1.98
CA LEU A 229 14.96 14.43 -2.50
C LEU A 229 14.54 14.24 -3.94
N SER A 230 15.31 13.49 -4.71
CA SER A 230 14.92 13.18 -6.07
C SER A 230 14.08 11.93 -6.12
N GLN A 231 12.87 12.06 -5.62
CA GLN A 231 11.91 10.96 -5.62
C GLN A 231 10.51 11.51 -5.56
N ALA A 232 9.55 10.72 -6.01
CA ALA A 232 8.14 11.10 -5.86
C ALA A 232 7.35 9.86 -5.44
N THR A 233 6.41 10.07 -4.53
CA THR A 233 5.49 9.01 -4.08
C THR A 233 4.17 9.24 -4.79
N ARG A 234 3.60 8.16 -5.35
CA ARG A 234 2.48 8.26 -6.30
C ARG A 234 1.48 7.11 -6.11
N LEU A 235 0.19 7.38 -6.31
CA LEU A 235 -0.81 6.31 -6.45
C LEU A 235 -0.67 5.64 -7.82
N ASP A 236 -0.74 4.30 -7.83
CA ASP A 236 -0.67 3.46 -9.03
C ASP A 236 -2.05 3.47 -9.68
N VAL A 237 -2.20 4.17 -10.79
CA VAL A 237 -3.51 4.33 -11.39
C VAL A 237 -4.07 3.05 -12.00
N PRO A 238 -3.26 2.26 -12.73
CA PRO A 238 -3.93 1.06 -13.26
C PRO A 238 -4.43 0.12 -12.16
N SER A 239 -3.71 0.01 -11.05
CA SER A 239 -4.21 -0.74 -9.89
C SER A 239 -5.48 -0.17 -9.36
N LEU A 240 -5.54 1.15 -9.20
CA LEU A 240 -6.79 1.75 -8.73
C LEU A 240 -7.91 1.65 -9.73
N PHE A 241 -7.59 1.92 -10.99
CA PHE A 241 -8.62 2.06 -12.05
C PHE A 241 -9.36 0.78 -12.19
N ARG A 242 -8.79 -0.31 -11.67
N ARG A 242 -8.73 -0.29 -11.72
CA ARG A 242 -9.51 -1.58 -11.63
CA ARG A 242 -9.37 -1.57 -11.47
C ARG A 242 -10.87 -1.38 -10.96
C ARG A 242 -10.79 -1.40 -10.93
N ILE A 243 -10.90 -0.52 -9.94
CA ILE A 243 -12.11 -0.30 -9.14
C ILE A 243 -13.27 0.30 -9.93
N VAL A 244 -12.99 1.23 -10.85
CA VAL A 244 -14.06 1.96 -11.54
C VAL A 244 -14.59 1.26 -12.80
N ARG A 245 -13.76 0.41 -13.42
CA ARG A 245 -14.16 -0.27 -14.66
C ARG A 245 -13.87 -1.77 -14.62
N MET B 1 9.54 -12.31 -19.37
CA MET B 1 10.53 -11.47 -20.11
C MET B 1 11.22 -10.56 -19.11
N ILE B 2 12.48 -10.85 -18.80
CA ILE B 2 13.25 -10.04 -17.84
C ILE B 2 14.14 -9.06 -18.60
N ILE B 3 14.03 -7.80 -18.23
CA ILE B 3 14.87 -6.73 -18.79
C ILE B 3 15.64 -6.03 -17.66
N VAL B 4 16.96 -5.95 -17.82
CA VAL B 4 17.84 -5.28 -16.85
C VAL B 4 18.56 -4.09 -17.53
N SER B 5 18.44 -2.91 -16.92
CA SER B 5 18.86 -1.66 -17.55
C SER B 5 18.06 -1.46 -18.84
N GLY B 6 18.49 -2.11 -19.92
CA GLY B 6 17.75 -2.11 -21.16
C GLY B 6 17.91 -3.43 -21.92
N GLN B 7 18.83 -4.26 -21.47
CA GLN B 7 19.11 -5.54 -22.13
C GLN B 7 18.09 -6.63 -21.77
N LEU B 8 17.47 -7.19 -22.80
CA LEU B 8 16.66 -8.39 -22.65
C LEU B 8 17.53 -9.52 -22.13
N LEU B 9 17.13 -10.07 -21.00
CA LEU B 9 17.85 -11.16 -20.39
C LEU B 9 17.40 -12.47 -20.99
N ARG B 10 18.16 -12.99 -21.94
CA ARG B 10 17.87 -14.30 -22.49
C ARG B 10 18.61 -15.34 -21.65
N PRO B 11 18.21 -16.62 -21.76
CA PRO B 11 18.98 -17.71 -21.17
C PRO B 11 20.51 -17.57 -21.32
N GLN B 12 21.07 -16.75 -20.41
CA GLN B 12 22.50 -16.52 -20.32
C GLN B 12 22.96 -16.83 -18.90
N ASN B 16 24.62 -21.67 -16.26
CA ASN B 16 25.44 -20.49 -16.49
C ASN B 16 25.63 -19.63 -15.22
N TRP B 17 24.52 -19.33 -14.55
CA TRP B 17 24.54 -18.53 -13.33
C TRP B 17 24.71 -19.37 -12.06
N GLN B 18 25.45 -18.84 -11.09
CA GLN B 18 25.69 -19.56 -9.85
C GLN B 18 24.74 -19.10 -8.75
N ILE B 19 23.47 -19.46 -8.90
CA ILE B 19 22.43 -19.05 -7.96
C ILE B 19 21.69 -20.25 -7.37
N ASP B 20 20.97 -19.98 -6.29
CA ASP B 20 20.29 -20.99 -5.49
C ASP B 20 19.27 -21.79 -6.31
N GLN B 21 19.25 -23.11 -6.12
CA GLN B 21 18.33 -24.00 -6.84
C GLN B 21 16.85 -23.67 -6.68
N ASP B 22 16.39 -23.35 -5.47
CA ASP B 22 14.95 -23.16 -5.28
C ASP B 22 14.46 -21.90 -5.96
N LEU B 23 15.40 -21.08 -6.46
CA LEU B 23 15.08 -19.90 -7.27
C LEU B 23 14.91 -20.20 -8.78
N ASN B 24 15.37 -21.36 -9.23
CA ASN B 24 15.39 -21.64 -10.67
C ASN B 24 13.98 -21.79 -11.29
N PRO B 25 13.07 -22.47 -10.60
CA PRO B 25 11.74 -22.56 -11.19
C PRO B 25 11.08 -21.21 -11.41
N LEU B 26 11.20 -20.29 -10.46
CA LEU B 26 10.60 -18.97 -10.63
C LEU B 26 11.29 -18.20 -11.76
N LEU B 27 12.61 -18.24 -11.77
CA LEU B 27 13.36 -17.52 -12.77
C LEU B 27 12.97 -18.02 -14.16
N LYS B 28 12.64 -19.31 -14.28
CA LYS B 28 12.30 -19.87 -15.62
C LYS B 28 10.97 -19.31 -16.05
N GLU B 29 10.01 -19.31 -15.14
CA GLU B 29 8.73 -18.68 -15.36
C GLU B 29 8.91 -17.25 -15.85
N MET B 30 9.75 -16.48 -15.15
CA MET B 30 9.87 -15.05 -15.40
C MET B 30 10.60 -14.76 -16.70
N ILE B 31 11.51 -15.63 -17.08
CA ILE B 31 12.17 -15.45 -18.38
C ILE B 31 11.25 -15.80 -19.54
N GLU B 32 10.45 -16.87 -19.40
CA GLU B 32 9.67 -17.42 -20.53
C GLU B 32 8.34 -16.71 -20.77
N THR B 33 7.77 -16.12 -19.73
CA THR B 33 6.49 -15.45 -19.83
C THR B 33 6.53 -14.28 -20.77
N PRO B 34 5.39 -13.93 -21.37
CA PRO B 34 5.37 -12.68 -22.13
C PRO B 34 5.38 -11.42 -21.24
N VAL B 35 5.06 -11.59 -19.97
CA VAL B 35 5.01 -10.47 -19.03
C VAL B 35 6.37 -9.81 -18.92
N GLN B 36 6.40 -8.48 -18.91
CA GLN B 36 7.65 -7.72 -18.79
C GLN B 36 8.03 -7.49 -17.33
N PHE B 37 9.25 -7.89 -16.98
CA PHE B 37 9.83 -7.60 -15.68
C PHE B 37 11.01 -6.68 -15.93
N ASP B 38 10.95 -5.47 -15.37
CA ASP B 38 11.97 -4.46 -15.60
C ASP B 38 12.70 -4.16 -14.31
N TYR B 39 14.01 -4.26 -14.35
CA TYR B 39 14.83 -3.95 -13.19
C TYR B 39 15.97 -3.05 -13.61
N HIS B 40 16.40 -2.18 -12.70
CA HIS B 40 17.52 -1.31 -12.95
C HIS B 40 18.84 -2.06 -12.88
N SER B 41 18.82 -3.26 -12.32
CA SER B 41 20.05 -3.98 -12.06
C SER B 41 19.80 -5.43 -11.69
N ILE B 42 20.87 -6.22 -11.69
CA ILE B 42 20.77 -7.63 -11.39
C ILE B 42 20.40 -7.82 -9.95
N ALA B 43 20.94 -6.97 -9.10
CA ALA B 43 20.59 -6.99 -7.68
C ALA B 43 19.07 -6.90 -7.45
N GLU B 44 18.38 -6.03 -8.19
CA GLU B 44 16.93 -5.96 -8.06
C GLU B 44 16.28 -7.28 -8.42
N LEU B 45 16.71 -7.87 -9.54
CA LEU B 45 16.18 -9.16 -10.00
C LEU B 45 16.34 -10.20 -8.90
N MET B 46 17.54 -10.33 -8.37
CA MET B 46 17.80 -11.30 -7.31
C MET B 46 16.95 -11.04 -6.08
N PHE B 47 16.73 -9.77 -5.78
CA PHE B 47 15.86 -9.42 -4.64
C PHE B 47 14.45 -9.97 -4.91
N GLU B 48 13.92 -9.79 -6.11
CA GLU B 48 12.56 -10.29 -6.37
C GLU B 48 12.51 -11.79 -6.20
N LEU B 49 13.54 -12.47 -6.70
CA LEU B 49 13.54 -13.93 -6.69
C LEU B 49 13.52 -14.44 -5.25
N LYS B 50 14.37 -13.88 -4.41
CA LYS B 50 14.44 -14.30 -3.01
C LYS B 50 13.18 -13.86 -2.29
N LEU B 51 12.74 -12.64 -2.54
CA LEU B 51 11.55 -12.15 -1.83
C LEU B 51 10.38 -13.08 -2.15
N ARG B 52 10.19 -13.40 -3.45
CA ARG B 52 9.06 -14.23 -3.86
C ARG B 52 9.13 -15.61 -3.26
N MET B 53 10.31 -16.22 -3.22
CA MET B 53 10.35 -17.58 -2.68
C MET B 53 10.21 -17.52 -1.16
N ASN B 54 10.56 -16.39 -0.55
CA ASN B 54 10.40 -16.20 0.89
C ASN B 54 8.92 -15.99 1.25
N ILE B 55 8.15 -15.43 0.33
CA ILE B 55 6.70 -15.38 0.50
C ILE B 55 6.18 -16.80 0.56
N VAL B 56 6.66 -17.65 -0.34
CA VAL B 56 6.18 -19.03 -0.38
C VAL B 56 6.58 -19.75 0.90
N ALA B 57 7.81 -19.55 1.35
CA ALA B 57 8.27 -20.22 2.57
C ALA B 57 7.54 -19.68 3.82
N ALA B 58 7.19 -18.41 3.80
CA ALA B 58 6.52 -17.80 4.94
C ALA B 58 5.08 -18.32 5.05
N ALA B 59 4.43 -18.50 3.91
CA ALA B 59 3.10 -19.09 3.87
C ALA B 59 3.10 -20.46 4.55
N LYS B 60 4.06 -21.27 4.19
CA LYS B 60 4.20 -22.59 4.80
C LYS B 60 4.51 -22.48 6.29
N THR B 61 5.33 -21.51 6.68
CA THR B 61 5.62 -21.27 8.08
C THR B 61 4.34 -20.90 8.84
N LEU B 62 3.59 -19.94 8.30
CA LEU B 62 2.35 -19.58 8.96
C LEU B 62 1.42 -20.78 9.04
N HIS B 63 1.34 -21.53 7.94
CA HIS B 63 0.48 -22.70 7.90
C HIS B 63 0.79 -23.63 9.06
N LYS B 64 2.09 -23.81 9.35
CA LYS B 64 2.51 -24.79 10.34
C LYS B 64 2.59 -24.20 11.77
N SER B 65 2.34 -22.89 11.89
CA SER B 65 2.55 -22.18 13.14
C SER B 65 1.61 -22.59 14.26
N GLY B 66 0.37 -22.92 13.88
CA GLY B 66 -0.68 -23.16 14.85
C GLY B 66 -1.56 -21.93 15.00
N ALA B 67 -1.21 -20.84 14.34
CA ALA B 67 -2.08 -19.68 14.34
C ALA B 67 -3.38 -20.09 13.69
N LYS B 68 -4.50 -19.64 14.27
CA LYS B 68 -5.82 -20.08 13.86
C LYS B 68 -6.57 -19.03 13.07
N PHE B 69 -7.63 -19.45 12.38
CA PHE B 69 -8.55 -18.51 11.76
C PHE B 69 -9.55 -17.99 12.78
N ALA B 70 -9.81 -16.69 12.73
CA ALA B 70 -10.91 -16.07 13.47
C ALA B 70 -11.39 -14.83 12.72
N THR B 71 -12.67 -14.54 12.87
CA THR B 71 -13.27 -13.30 12.37
C THR B 71 -12.70 -12.11 13.12
N PHE B 72 -12.93 -10.89 12.62
CA PHE B 72 -12.29 -9.72 13.21
C PHE B 72 -12.68 -9.59 14.69
N LEU B 73 -13.96 -9.81 14.99
CA LEU B 73 -14.36 -9.60 16.37
C LEU B 73 -13.88 -10.72 17.28
N LYS B 74 -13.33 -11.81 16.75
CA LYS B 74 -12.85 -12.91 17.58
C LYS B 74 -11.29 -13.01 17.50
N THR B 75 -10.68 -12.02 16.87
CA THR B 75 -9.21 -11.97 16.74
C THR B 75 -8.50 -11.84 18.07
N TYR B 76 -7.37 -12.54 18.21
CA TYR B 76 -6.51 -12.39 19.40
C TYR B 76 -5.03 -12.63 19.04
N GLY B 77 -4.14 -12.23 19.95
CA GLY B 77 -2.71 -12.28 19.71
C GLY B 77 -1.92 -12.24 21.02
N ASN B 78 -0.62 -12.47 20.92
CA ASN B 78 0.24 -12.51 22.10
C ASN B 78 0.42 -11.12 22.70
N THR B 79 -0.11 -10.92 23.90
CA THR B 79 -0.16 -9.60 24.58
C THR B 79 1.24 -9.07 24.93
N THR B 80 2.22 -9.96 24.88
CA THR B 80 3.61 -9.55 25.03
C THR B 80 3.91 -8.50 23.96
N TYR B 81 3.29 -8.64 22.78
CA TYR B 81 3.63 -7.79 21.63
C TYR B 81 2.51 -6.97 21.06
N TRP B 82 1.26 -7.48 21.17
CA TRP B 82 0.10 -6.96 20.43
C TRP B 82 -1.08 -6.61 21.34
N ARG B 83 -1.73 -5.48 21.06
CA ARG B 83 -3.00 -5.16 21.65
C ARG B 83 -4.13 -5.41 20.64
N VAL B 84 -5.27 -5.91 21.08
CA VAL B 84 -6.40 -6.10 20.16
C VAL B 84 -7.35 -4.92 20.28
N SER B 85 -7.64 -4.22 19.20
CA SER B 85 -8.60 -3.14 19.30
C SER B 85 -10.03 -3.68 19.40
N PRO B 86 -10.99 -2.82 19.74
CA PRO B 86 -12.38 -3.29 19.80
C PRO B 86 -12.84 -3.88 18.47
N GLU B 87 -12.30 -3.40 17.35
CA GLU B 87 -12.72 -3.84 16.02
C GLU B 87 -11.95 -5.07 15.52
N GLY B 88 -10.87 -5.43 16.21
CA GLY B 88 -10.14 -6.67 15.96
C GLY B 88 -8.79 -6.48 15.31
N ALA B 89 -8.30 -5.24 15.33
CA ALA B 89 -6.95 -4.92 14.81
C ALA B 89 -5.88 -5.34 15.78
N LEU B 90 -4.75 -5.83 15.27
CA LEU B 90 -3.67 -6.21 16.17
C LEU B 90 -2.65 -5.09 16.18
N GLU B 91 -2.64 -4.29 17.25
CA GLU B 91 -1.74 -3.13 17.34
C GLU B 91 -0.39 -3.48 17.98
N LEU B 92 0.72 -3.17 17.32
CA LEU B 92 2.02 -3.35 17.95
C LEU B 92 2.12 -2.41 19.15
N LYS B 93 2.46 -2.97 20.31
CA LYS B 93 2.58 -2.14 21.52
C LYS B 93 3.79 -1.25 21.50
N TYR B 94 3.60 -0.11 22.15
CA TYR B 94 4.55 0.99 22.18
C TYR B 94 6.01 0.56 22.34
N ARG B 95 6.84 0.98 21.39
CA ARG B 95 8.27 0.69 21.36
C ARG B 95 8.66 -0.80 21.31
N MET B 96 7.74 -1.72 21.04
CA MET B 96 8.17 -3.12 20.85
C MET B 96 8.76 -3.23 19.44
N PRO B 97 9.80 -4.04 19.27
CA PRO B 97 10.44 -4.15 17.95
C PRO B 97 9.55 -4.93 16.96
N PRO B 98 9.20 -4.31 15.81
CA PRO B 98 8.34 -4.98 14.85
C PRO B 98 8.76 -6.38 14.43
N SER B 99 10.03 -6.60 14.12
CA SER B 99 10.50 -7.90 13.68
C SER B 99 10.25 -9.00 14.68
N LYS B 100 10.56 -8.72 15.93
CA LYS B 100 10.37 -9.72 16.97
C LYS B 100 8.89 -10.03 17.18
N ALA B 101 8.03 -9.01 17.10
CA ALA B 101 6.59 -9.15 17.27
C ALA B 101 5.92 -9.98 16.15
N ILE B 102 6.33 -9.72 14.92
CA ILE B 102 5.82 -10.41 13.74
C ILE B 102 6.35 -11.85 13.70
N ARG B 103 7.65 -12.06 13.94
CA ARG B 103 8.15 -13.42 14.05
C ARG B 103 7.49 -14.23 15.15
N ASP B 104 7.00 -13.55 16.19
CA ASP B 104 6.38 -14.28 17.27
C ASP B 104 5.11 -15.00 16.79
N ILE B 105 4.46 -14.46 15.75
CA ILE B 105 3.28 -15.09 15.16
C ILE B 105 3.68 -16.47 14.64
N ALA B 106 4.90 -16.56 14.11
CA ALA B 106 5.41 -17.80 13.58
C ALA B 106 5.89 -18.74 14.67
N GLU B 107 6.34 -18.19 15.80
CA GLU B 107 7.04 -18.99 16.81
C GLU B 107 6.13 -19.39 17.95
N ASN B 108 5.02 -18.66 18.08
CA ASN B 108 4.03 -18.89 19.16
C ASN B 108 2.61 -18.86 18.57
N GLY B 109 2.45 -19.50 17.42
CA GLY B 109 1.20 -19.49 16.67
C GLY B 109 -0.05 -19.74 17.49
N PRO B 110 0.00 -20.71 18.42
CA PRO B 110 -1.21 -20.99 19.19
C PRO B 110 -1.77 -19.79 19.97
N PHE B 111 -0.97 -18.77 20.20
CA PHE B 111 -1.45 -17.59 20.91
C PHE B 111 -2.17 -16.61 19.98
N TYR B 112 -2.36 -16.97 18.71
CA TYR B 112 -2.95 -16.05 17.73
C TYR B 112 -4.12 -16.62 16.96
N ALA B 113 -5.03 -15.73 16.57
CA ALA B 113 -6.06 -16.08 15.59
C ALA B 113 -6.49 -14.82 14.86
N PHE B 114 -6.58 -14.88 13.53
CA PHE B 114 -6.88 -13.69 12.73
C PHE B 114 -7.45 -14.13 11.39
N GLU B 115 -7.92 -13.20 10.57
N GLU B 115 -7.83 -13.14 10.57
CA GLU B 115 -8.59 -13.58 9.33
CA GLU B 115 -8.47 -13.32 9.25
C GLU B 115 -7.64 -13.54 8.13
C GLU B 115 -7.50 -13.67 8.12
N CYS B 116 -8.17 -13.85 6.96
N CYS B 116 -8.07 -13.92 6.94
N CYS B 116 -8.30 -13.72 6.79
CA CYS B 116 -7.37 -14.26 5.82
CA CYS B 116 -7.32 -14.28 5.75
CA CYS B 116 -7.38 -14.26 5.81
C CYS B 116 -6.51 -13.15 5.23
C CYS B 116 -6.48 -13.14 5.21
C CYS B 116 -6.52 -13.16 5.18
N ALA B 117 -7.08 -11.96 5.06
CA ALA B 117 -6.33 -10.83 4.54
C ALA B 117 -5.19 -10.46 5.49
N THR B 118 -5.46 -10.47 6.78
CA THR B 118 -4.42 -10.12 7.74
C THR B 118 -3.25 -11.10 7.63
N ALA B 119 -3.59 -12.37 7.37
CA ALA B 119 -2.58 -13.42 7.20
C ALA B 119 -1.66 -13.16 5.99
N ILE B 120 -2.24 -12.61 4.91
CA ILE B 120 -1.43 -12.33 3.69
C ILE B 120 -0.42 -11.23 4.04
N VAL B 121 -0.86 -10.24 4.81
CA VAL B 121 0.02 -9.14 5.17
C VAL B 121 1.09 -9.60 6.14
N ILE B 122 0.72 -10.46 7.06
CA ILE B 122 1.71 -11.09 7.94
C ILE B 122 2.78 -11.81 7.13
N ILE B 123 2.30 -12.58 6.17
CA ILE B 123 3.22 -13.32 5.29
C ILE B 123 4.19 -12.38 4.55
N TYR B 124 3.70 -11.28 4.00
CA TYR B 124 4.58 -10.32 3.35
C TYR B 124 5.64 -9.83 4.33
N TYR B 125 5.24 -9.51 5.55
CA TYR B 125 6.20 -9.01 6.49
C TYR B 125 7.22 -10.06 6.87
N LEU B 126 6.78 -11.30 7.07
CA LEU B 126 7.72 -12.37 7.44
C LEU B 126 8.73 -12.58 6.29
N ALA B 127 8.22 -12.49 5.07
CA ALA B 127 9.09 -12.76 3.90
C ALA B 127 10.12 -11.66 3.78
N LEU B 128 9.69 -10.44 4.01
CA LEU B 128 10.59 -9.28 3.92
C LEU B 128 11.65 -9.36 5.01
N ILE B 129 11.21 -9.70 6.22
CA ILE B 129 12.16 -9.91 7.30
C ILE B 129 13.20 -10.97 6.92
N ASP B 130 12.73 -12.08 6.33
CA ASP B 130 13.65 -13.12 5.85
C ASP B 130 14.58 -12.60 4.76
N THR B 131 14.15 -11.57 4.04
CA THR B 131 14.88 -11.08 2.88
C THR B 131 15.88 -9.98 3.24
N ILE B 132 15.51 -9.03 4.10
CA ILE B 132 16.39 -7.91 4.42
C ILE B 132 16.95 -7.93 5.84
N GLY B 133 16.43 -8.78 6.71
CA GLY B 133 16.94 -8.86 8.08
C GLY B 133 16.18 -7.97 9.06
N GLU B 134 16.29 -8.30 10.33
CA GLU B 134 15.49 -7.62 11.35
C GLU B 134 15.84 -6.12 11.44
N ASP B 135 17.14 -5.81 11.42
CA ASP B 135 17.58 -4.43 11.59
C ASP B 135 17.00 -3.46 10.55
N LYS B 136 17.12 -3.79 9.26
CA LYS B 136 16.57 -2.92 8.21
C LYS B 136 15.06 -2.90 8.23
N PHE B 137 14.46 -4.06 8.49
CA PHE B 137 13.00 -4.11 8.56
C PHE B 137 12.56 -3.17 9.67
N ASN B 138 13.17 -3.30 10.84
CA ASN B 138 12.78 -2.46 11.99
C ASN B 138 13.02 -0.96 11.74
N ALA B 139 14.09 -0.63 11.03
CA ALA B 139 14.32 0.76 10.66
C ALA B 139 13.22 1.31 9.76
N SER B 140 12.77 0.52 8.78
CA SER B 140 11.87 1.03 7.76
C SER B 140 10.38 0.90 8.05
N PHE B 141 9.99 -0.24 8.62
CA PHE B 141 8.58 -0.54 8.89
C PHE B 141 8.41 -0.48 10.41
N ASP B 142 8.45 0.74 10.95
CA ASP B 142 8.70 0.94 12.39
C ASP B 142 7.44 0.97 13.25
N ARG B 143 6.31 1.19 12.63
CA ARG B 143 5.01 1.15 13.27
C ARG B 143 4.14 0.14 12.58
N ILE B 144 3.40 -0.67 13.35
CA ILE B 144 2.65 -1.78 12.73
C ILE B 144 1.31 -2.05 13.37
N ILE B 145 0.29 -2.09 12.54
CA ILE B 145 -1.03 -2.57 12.94
C ILE B 145 -1.48 -3.61 11.92
N LEU B 146 -1.77 -4.83 12.37
CA LEU B 146 -2.25 -5.93 11.51
C LEU B 146 -3.76 -5.99 11.52
N TYR B 147 -4.38 -5.68 10.39
CA TYR B 147 -5.84 -5.53 10.31
C TYR B 147 -6.29 -5.48 8.84
N ASP B 148 -6.85 -6.59 8.37
CA ASP B 148 -7.42 -6.67 7.04
C ASP B 148 -6.28 -6.41 6.07
N TRP B 149 -6.49 -5.52 5.13
CA TRP B 149 -5.45 -5.18 4.13
C TRP B 149 -4.70 -3.91 4.47
N HIS B 150 -4.49 -3.64 5.76
CA HIS B 150 -3.64 -2.51 6.11
C HIS B 150 -2.18 -2.91 5.99
N TYR B 151 -1.41 -2.07 5.35
CA TYR B 151 0.03 -2.26 5.44
C TYR B 151 0.73 -0.97 5.60
N GLU B 152 1.85 -1.05 6.30
CA GLU B 152 2.75 0.08 6.56
C GLU B 152 3.79 0.18 5.42
N LYS B 153 3.70 1.24 4.60
CA LYS B 153 4.55 1.59 3.50
C LYS B 153 4.64 0.60 2.35
N LEU B 154 4.22 -0.66 2.53
CA LEU B 154 4.47 -1.61 1.44
C LEU B 154 3.88 -1.14 0.13
N PRO B 155 4.67 -1.18 -0.96
CA PRO B 155 4.17 -0.88 -2.31
C PRO B 155 3.61 -2.15 -2.98
N ILE B 156 2.29 -2.17 -3.04
CA ILE B 156 1.53 -3.35 -3.46
C ILE B 156 0.61 -2.94 -4.59
N TYR B 157 0.57 -3.77 -5.63
CA TYR B 157 -0.28 -3.48 -6.76
C TYR B 157 -1.04 -4.74 -7.16
N THR B 158 -2.15 -4.53 -7.84
CA THR B 158 -2.96 -5.62 -8.35
C THR B 158 -3.06 -5.40 -9.85
N GLU B 159 -2.80 -6.44 -10.63
CA GLU B 159 -2.95 -6.36 -12.08
C GLU B 159 -3.91 -7.43 -12.60
N THR B 160 -4.53 -7.11 -13.73
CA THR B 160 -5.45 -8.04 -14.39
C THR B 160 -4.73 -8.87 -15.43
N GLY B 161 -4.96 -10.19 -15.40
CA GLY B 161 -4.40 -11.10 -16.41
C GLY B 161 -4.26 -12.54 -15.92
N HIS B 162 -3.93 -13.44 -16.84
CA HIS B 162 -3.91 -14.88 -16.56
C HIS B 162 -2.56 -15.44 -16.16
N HIS B 163 -1.48 -14.66 -16.29
CA HIS B 163 -0.17 -15.20 -16.01
C HIS B 163 0.27 -14.95 -14.57
N PHE B 164 0.55 -16.06 -13.88
CA PHE B 164 0.89 -16.03 -12.45
C PHE B 164 2.33 -16.51 -12.26
N PHE B 165 2.89 -16.14 -11.12
CA PHE B 165 4.24 -16.48 -10.68
C PHE B 165 4.27 -16.84 -9.18
N LEU B 166 5.18 -17.74 -8.83
CA LEU B 166 5.34 -18.16 -7.44
C LEU B 166 5.39 -16.94 -6.53
N GLY B 167 4.68 -17.01 -5.41
CA GLY B 167 4.63 -15.90 -4.49
C GLY B 167 3.51 -14.92 -4.76
N ASP B 168 2.77 -15.09 -5.85
CA ASP B 168 1.65 -14.20 -6.14
C ASP B 168 0.57 -14.34 -5.04
N CYS B 169 -0.20 -13.28 -4.82
CA CYS B 169 -1.46 -13.35 -4.07
C CYS B 169 -2.65 -13.31 -5.04
N LEU B 170 -3.40 -14.42 -5.08
CA LEU B 170 -4.53 -14.62 -5.98
C LEU B 170 -5.83 -14.68 -5.19
N TYR B 171 -6.96 -14.82 -5.88
CA TYR B 171 -8.27 -14.78 -5.22
C TYR B 171 -9.25 -15.68 -5.94
N PHE B 172 -9.85 -16.58 -5.16
CA PHE B 172 -10.98 -17.40 -5.59
C PHE B 172 -12.28 -16.68 -5.22
N LYS B 173 -13.10 -16.39 -6.21
CA LYS B 173 -14.31 -15.63 -5.96
C LYS B 173 -15.49 -16.59 -5.91
N ASN B 174 -16.46 -16.32 -5.03
CA ASN B 174 -17.68 -17.15 -4.95
C ASN B 174 -18.89 -16.25 -5.18
N PRO B 175 -19.25 -16.01 -6.45
CA PRO B 175 -20.20 -14.95 -6.79
C PRO B 175 -21.65 -15.15 -6.29
N GLU B 176 -22.13 -16.37 -6.15
CA GLU B 176 -23.48 -16.56 -5.62
C GLU B 176 -23.40 -17.15 -4.21
N PHE B 177 -22.48 -16.60 -3.42
CA PHE B 177 -22.28 -17.06 -2.06
C PHE B 177 -23.54 -16.84 -1.26
N ASP B 178 -23.69 -17.63 -0.21
CA ASP B 178 -24.78 -17.52 0.73
C ASP B 178 -24.71 -16.19 1.50
N PRO B 179 -25.60 -15.22 1.20
CA PRO B 179 -25.56 -13.92 1.88
C PRO B 179 -25.54 -14.00 3.42
N GLN B 180 -26.09 -15.08 3.96
CA GLN B 180 -26.10 -15.29 5.41
C GLN B 180 -24.74 -15.83 5.90
N LYS B 181 -23.79 -16.08 4.99
CA LYS B 181 -22.44 -16.52 5.35
C LYS B 181 -21.37 -15.79 4.51
N ALA B 182 -21.19 -14.51 4.79
CA ALA B 182 -20.39 -13.64 3.94
C ALA B 182 -18.91 -14.00 3.97
N GLN B 183 -18.54 -14.80 4.96
CA GLN B 183 -17.19 -15.30 5.14
C GLN B 183 -16.70 -16.10 3.93
N TRP B 184 -17.64 -16.48 3.06
CA TRP B 184 -17.35 -17.35 1.91
C TRP B 184 -17.56 -16.64 0.57
N ARG B 185 -17.59 -15.31 0.56
CA ARG B 185 -17.73 -14.58 -0.69
C ARG B 185 -16.50 -14.77 -1.61
N GLY B 186 -15.44 -15.40 -1.08
CA GLY B 186 -14.23 -15.65 -1.84
C GLY B 186 -13.06 -16.05 -0.93
N GLU B 187 -11.86 -16.24 -1.48
CA GLU B 187 -10.70 -16.65 -0.66
C GLU B 187 -9.35 -16.08 -1.17
N ASN B 188 -8.63 -15.36 -0.32
CA ASN B 188 -7.30 -14.87 -0.64
C ASN B 188 -6.27 -15.97 -0.44
N VAL B 189 -5.41 -16.18 -1.44
CA VAL B 189 -4.43 -17.26 -1.35
C VAL B 189 -3.01 -16.84 -1.78
N ILE B 190 -2.01 -17.57 -1.28
CA ILE B 190 -0.66 -17.47 -1.80
C ILE B 190 -0.40 -18.65 -2.73
N LEU B 191 0.12 -18.35 -3.91
CA LEU B 191 0.46 -19.37 -4.91
C LEU B 191 1.81 -19.98 -4.55
N LEU B 192 1.78 -21.23 -4.10
CA LEU B 192 2.96 -21.90 -3.58
C LEU B 192 3.70 -22.73 -4.65
N GLY B 193 2.93 -23.20 -5.62
CA GLY B 193 3.45 -24.06 -6.69
C GLY B 193 2.32 -24.28 -7.68
N GLU B 194 2.56 -25.09 -8.71
CA GLU B 194 1.54 -25.26 -9.71
C GLU B 194 0.31 -25.90 -9.09
N ASP B 195 -0.82 -25.24 -9.29
CA ASP B 195 -2.09 -25.65 -8.66
C ASP B 195 -1.94 -25.93 -7.17
N LYS B 196 -1.19 -25.09 -6.48
CA LYS B 196 -0.89 -25.30 -5.06
C LYS B 196 -0.99 -23.97 -4.29
N TYR B 197 -1.88 -23.92 -3.32
CA TYR B 197 -2.21 -22.64 -2.67
C TYR B 197 -2.19 -22.72 -1.14
N PHE B 198 -1.76 -21.64 -0.49
CA PHE B 198 -2.01 -21.53 0.95
C PHE B 198 -3.21 -20.64 1.15
N ALA B 199 -4.20 -21.12 1.91
CA ALA B 199 -5.37 -20.32 2.21
C ALA B 199 -5.62 -20.35 3.72
N HIS B 200 -5.41 -19.23 4.40
CA HIS B 200 -5.52 -19.23 5.85
C HIS B 200 -6.94 -19.65 6.30
N GLY B 201 -7.02 -20.64 7.18
CA GLY B 201 -8.27 -21.21 7.63
C GLY B 201 -8.62 -22.53 6.94
N LEU B 202 -7.97 -22.79 5.79
CA LEU B 202 -8.26 -24.00 4.98
C LEU B 202 -7.06 -24.95 4.90
N GLY B 203 -5.89 -24.38 4.74
CA GLY B 203 -4.66 -25.15 4.77
C GLY B 203 -3.90 -24.95 3.48
N ILE B 204 -3.13 -25.96 3.13
CA ILE B 204 -2.46 -25.99 1.83
C ILE B 204 -3.23 -26.94 0.88
N LEU B 205 -3.87 -26.36 -0.14
CA LEU B 205 -4.84 -27.08 -1.01
C LEU B 205 -4.66 -26.79 -2.51
N ASN B 206 -5.26 -27.60 -3.40
CA ASN B 206 -5.31 -27.23 -4.82
C ASN B 206 -6.60 -26.47 -5.15
N GLY B 207 -6.70 -26.00 -6.38
CA GLY B 207 -7.80 -25.16 -6.81
C GLY B 207 -9.16 -25.84 -6.81
N LYS B 208 -9.19 -27.10 -7.20
CA LYS B 208 -10.45 -27.83 -7.18
C LYS B 208 -11.00 -27.89 -5.77
N GLN B 209 -10.13 -28.13 -4.81
CA GLN B 209 -10.57 -28.22 -3.42
C GLN B 209 -11.13 -26.88 -2.98
N ILE B 210 -10.43 -25.79 -3.31
CA ILE B 210 -10.88 -24.47 -2.87
C ILE B 210 -12.21 -24.14 -3.52
N ILE B 211 -12.35 -24.49 -4.79
CA ILE B 211 -13.60 -24.19 -5.50
C ILE B 211 -14.75 -25.02 -4.94
N ASP B 212 -14.49 -26.28 -4.60
CA ASP B 212 -15.57 -27.16 -4.13
C ASP B 212 -16.09 -26.59 -2.80
N LYS B 213 -15.14 -26.18 -1.97
CA LYS B 213 -15.43 -25.63 -0.65
C LYS B 213 -16.32 -24.41 -0.74
N LEU B 214 -15.89 -23.39 -1.49
CA LEU B 214 -16.74 -22.22 -1.69
C LEU B 214 -18.12 -22.60 -2.23
N ASN B 215 -18.17 -23.53 -3.19
CA ASN B 215 -19.42 -23.88 -3.83
C ASN B 215 -20.40 -24.54 -2.89
N SER B 216 -19.89 -25.06 -1.78
CA SER B 216 -20.76 -25.70 -0.79
C SER B 216 -21.49 -24.66 0.07
N PHE B 217 -21.11 -23.38 -0.08
CA PHE B 217 -21.73 -22.28 0.70
C PHE B 217 -22.35 -21.21 -0.19
N ARG B 218 -23.13 -21.64 -1.18
CA ARG B 218 -23.84 -20.73 -2.07
C ARG B 218 -25.33 -20.64 -1.69
N LYS B 219 -26.02 -19.68 -2.30
CA LYS B 219 -27.44 -19.47 -2.06
C LYS B 219 -28.25 -20.57 -2.72
N LYS B 220 -29.47 -20.74 -2.25
CA LYS B 220 -30.41 -21.69 -2.86
C LYS B 220 -30.49 -21.45 -4.37
N GLY B 221 -30.34 -22.53 -5.14
CA GLY B 221 -30.51 -22.43 -6.58
C GLY B 221 -29.32 -21.89 -7.34
N ALA B 222 -28.27 -21.49 -6.62
CA ALA B 222 -27.08 -20.98 -7.26
C ALA B 222 -26.59 -21.97 -8.31
N LEU B 223 -26.30 -21.43 -9.49
CA LEU B 223 -25.74 -22.20 -10.60
C LEU B 223 -24.29 -21.87 -10.90
N GLN B 224 -23.87 -20.65 -10.56
CA GLN B 224 -22.50 -20.20 -10.82
C GLN B 224 -21.51 -20.78 -9.82
N SER B 225 -20.48 -21.41 -10.34
CA SER B 225 -19.43 -21.99 -9.52
C SER B 225 -18.47 -20.89 -9.06
N ALA B 226 -17.76 -21.12 -7.97
CA ALA B 226 -16.63 -20.28 -7.59
C ALA B 226 -15.51 -20.49 -8.60
N TYR B 227 -14.63 -19.53 -8.76
CA TYR B 227 -13.57 -19.66 -9.75
C TYR B 227 -12.37 -18.81 -9.42
N LEU B 228 -11.26 -19.12 -10.09
CA LEU B 228 -10.03 -18.34 -9.87
C LEU B 228 -10.10 -17.05 -10.70
N LEU B 229 -10.09 -15.91 -10.02
CA LEU B 229 -10.07 -14.63 -10.71
C LEU B 229 -8.80 -14.48 -11.52
N SER B 230 -8.89 -13.74 -12.61
CA SER B 230 -7.72 -13.46 -13.43
C SER B 230 -7.05 -12.15 -13.01
N GLN B 231 -6.32 -12.24 -11.90
CA GLN B 231 -5.66 -11.06 -11.34
C GLN B 231 -4.62 -11.55 -10.37
N ALA B 232 -3.62 -10.73 -10.09
CA ALA B 232 -2.66 -11.10 -9.05
C ALA B 232 -2.28 -9.87 -8.31
N THR B 233 -1.95 -10.06 -7.03
CA THR B 233 -1.56 -8.98 -6.14
C THR B 233 -0.09 -9.22 -5.84
N ARG B 234 0.69 -8.16 -6.01
CA ARG B 234 2.15 -8.28 -6.02
C ARG B 234 2.85 -7.13 -5.28
N LEU B 235 4.00 -7.44 -4.69
CA LEU B 235 4.90 -6.41 -4.17
C LEU B 235 5.74 -5.83 -5.31
N ASP B 236 5.88 -4.51 -5.27
CA ASP B 236 6.60 -3.74 -6.26
C ASP B 236 8.07 -3.64 -5.83
N VAL B 237 8.93 -4.41 -6.48
CA VAL B 237 10.30 -4.60 -6.00
C VAL B 237 11.13 -3.34 -6.19
N PRO B 238 11.02 -2.70 -7.36
CA PRO B 238 11.78 -1.46 -7.49
C PRO B 238 11.46 -0.43 -6.37
N SER B 239 10.19 -0.32 -5.99
CA SER B 239 9.80 0.64 -4.95
C SER B 239 10.34 0.26 -3.59
N LEU B 240 10.36 -1.04 -3.30
CA LEU B 240 10.98 -1.52 -2.09
C LEU B 240 12.47 -1.15 -1.97
N PHE B 241 13.21 -1.14 -3.07
CA PHE B 241 14.62 -0.71 -3.04
C PHE B 241 14.77 0.73 -2.55
N ARG B 242 13.91 1.62 -3.05
CA ARG B 242 13.83 2.95 -2.45
C ARG B 242 13.51 2.90 -0.93
N ILE B 243 12.50 2.14 -0.51
CA ILE B 243 12.02 2.13 0.89
C ILE B 243 12.99 1.49 1.90
N VAL B 244 13.76 0.49 1.45
CA VAL B 244 14.66 -0.26 2.32
C VAL B 244 16.12 0.01 1.94
N ARG B 245 16.65 -0.80 1.01
CA ARG B 245 18.01 -0.69 0.42
C ARG B 245 18.44 -2.05 -0.16
C1 PGE C . 12.29 8.47 3.44
O1 PGE C . 12.82 8.65 2.12
C2 PGE C . 11.00 9.27 3.49
O2 PGE C . 10.16 8.83 2.43
C3 PGE C . 8.95 9.58 2.37
C4 PGE C . 7.93 8.82 1.54
O4 PGE C . 7.27 4.92 2.26
C6 PGE C . 6.27 5.64 1.54
C5 PGE C . 6.33 7.11 1.94
O3 PGE C . 7.67 7.56 2.16
C1 PGE D . -16.73 -1.68 21.40
O1 PGE D . -16.41 -0.44 22.05
C2 PGE D . -16.90 -1.54 19.89
O2 PGE D . -16.84 -2.85 19.32
C3 PGE D . -18.10 -3.34 18.95
C4 PGE D . -18.12 -4.85 18.96
O4 PGE D . -20.06 -6.76 22.84
C6 PGE D . -20.33 -6.03 21.63
C5 PGE D . -19.23 -6.24 20.60
O3 PGE D . -19.36 -5.24 19.58
C1 EDO E . 5.04 12.06 15.96
O1 EDO E . 6.26 11.35 16.29
C2 EDO E . 5.25 13.09 14.83
O2 EDO E . 5.15 12.47 13.54
S SO4 F . -1.86 22.67 8.24
O1 SO4 F . -2.40 21.38 7.82
O2 SO4 F . -1.90 22.75 9.72
O3 SO4 F . -2.68 23.74 7.68
O4 SO4 F . -0.48 22.82 7.78
ZN ZN G . -16.74 3.32 21.56
N DHL H . 7.00 15.79 8.51
CA DHL H . 7.61 16.00 9.84
CB DHL H . 6.57 16.21 10.91
SG DHL H . 5.48 14.76 11.05
C1 GOL I . 0.96 27.19 -10.41
O1 GOL I . 2.23 26.86 -10.95
C2 GOL I . 1.00 27.55 -8.92
O2 GOL I . 2.21 28.17 -8.52
C3 GOL I . -0.18 28.47 -8.57
O3 GOL I . -1.37 27.74 -8.61
O1 PG4 J . -3.61 -2.88 -3.34
C1 PG4 J . -3.74 -4.26 -2.96
C2 PG4 J . -5.16 -4.52 -2.49
O2 PG4 J . -5.28 -5.86 -2.01
C3 PG4 J . -6.63 -6.25 -2.17
C4 PG4 J . -6.68 -7.67 -2.70
O3 PG4 J . -7.91 -7.84 -3.39
C5 PG4 J . -8.19 -9.22 -3.66
C6 PG4 J . -9.68 -9.37 -3.49
O4 PG4 J . -10.34 -8.77 -4.61
C7 PG4 J . -11.67 -8.40 -4.26
C8 PG4 J . -12.17 -7.31 -5.20
O5 PG4 J . -11.86 -7.67 -6.56
CAC FLC K . 4.56 1.13 -10.98
CA FLC K . 4.99 -0.23 -10.46
CB FLC K . 4.45 -1.41 -11.26
CBC FLC K . 3.61 -0.97 -12.44
CG FLC K . 5.62 -2.32 -11.69
CGC FLC K . 5.21 -3.48 -12.59
OA1 FLC K . 5.46 1.96 -11.25
OA2 FLC K . 3.35 1.38 -11.13
OB1 FLC K . 2.39 -1.28 -12.40
OB2 FLC K . 4.12 -0.33 -13.39
OG1 FLC K . 6.13 -4.24 -13.03
OG2 FLC K . 4.01 -3.66 -12.88
OHB FLC K . 3.63 -2.17 -10.39
S SO4 L . -4.08 -22.33 8.52
O1 SO4 L . -4.37 -22.74 9.90
O2 SO4 L . -3.18 -23.31 7.87
O3 SO4 L . -5.35 -22.28 7.77
O4 SO4 L . -3.41 -21.02 8.52
#